data_6CPU
#
_entry.id   6CPU
#
_cell.length_a   139.524
_cell.length_b   74.753
_cell.length_c   65.456
_cell.angle_alpha   90.00
_cell.angle_beta   109.12
_cell.angle_gamma   90.00
#
_symmetry.space_group_name_H-M   'C 1 2 1'
#
loop_
_entity.id
_entity.type
_entity.pdbx_description
1 polymer Phosphodiesterase
2 non-polymer 'ZINC ION'
3 non-polymer 'MAGNESIUM ION'
4 water water
#
_entity_poly.entity_id   1
_entity_poly.type   'polypeptide(L)'
_entity_poly.pdbx_seq_one_letter_code
;MAEVLSLVDLEIPQVTDKYYKFDTFKHLICHLFKKTSTETDSNVPIVIIFPTNNDIPSRKTRSTTTTTTTTTTTNTSKLD
NLPFSDKSLLIQFFFTHLNILMIQGENSDEGKLYQEISSAKELLTNRISRVGNWTGTTHFRYCRHENDCGLLNQHSKIAG
IIPTMTYILNCNATRSEIATNQLIYLYRLMIEEINFIELLQDASTTRLSQLCYAVGHWSFPAHNLSNDDLVYCVYLMIDY
AIKQVEGFDNIPLNELLAFIFIVRDTYKNGNPFHNFRHAVDVLQACFHFLIRLGSLPKFKQFVEDPKLDYTEVHDKHTVL
IALQNNSSEEKASLNPIQTLGLLVAALGHDVGHPGTTNDFMIKFSAPTALLYNDRSVLESYHASLFINKVLRICWPDLLT
CTIEEKSELTIRSLIISSILATDMGEHNEYVNRLKSFKTHNEILNHDNTVKLISALLIKCADISNVTRPLRVSAQWAMVL
SREFAEVELLKSVIKKDIDLDFTKDLTYDDVPHELREILEIQPDIHKGQIFFINLFAENLFNSVSDLLPQLQYTCDIIME
NKLFWLERAKK
;
_entity_poly.pdbx_strand_id   A
#
# COMPACT_ATOMS: atom_id res chain seq x y z
N MET A 1 5.78 29.03 5.14
CA MET A 1 5.55 28.38 3.81
C MET A 1 6.18 26.99 3.64
N ALA A 2 7.50 26.89 3.67
CA ALA A 2 8.20 25.61 3.43
C ALA A 2 8.86 25.03 4.68
N GLU A 3 8.98 23.72 4.71
CA GLU A 3 9.86 23.05 5.64
C GLU A 3 11.22 22.99 4.97
N VAL A 4 12.24 23.52 5.64
CA VAL A 4 13.57 23.60 5.06
C VAL A 4 14.49 22.64 5.80
N LEU A 5 15.18 21.80 5.02
CA LEU A 5 16.10 20.80 5.52
C LEU A 5 17.44 21.18 4.95
N SER A 6 18.42 21.49 5.81
CA SER A 6 19.70 22.01 5.35
C SER A 6 20.91 21.21 5.81
N LEU A 7 21.86 21.08 4.90
CA LEU A 7 23.15 20.48 5.19
C LEU A 7 24.22 21.55 5.35
N VAL A 8 23.82 22.82 5.25
CA VAL A 8 24.75 23.95 5.22
C VAL A 8 24.19 25.13 6.03
N ASP A 9 24.97 26.22 6.10
CA ASP A 9 24.62 27.38 6.93
C ASP A 9 23.53 28.29 6.38
N LEU A 10 23.38 28.32 5.06
CA LEU A 10 22.46 29.26 4.40
C LEU A 10 21.04 29.20 4.96
N GLU A 11 20.44 30.37 5.17
CA GLU A 11 19.05 30.50 5.54
C GLU A 11 18.29 31.24 4.44
N ILE A 12 17.02 30.85 4.25
CA ILE A 12 16.16 31.43 3.22
C ILE A 12 14.84 31.82 3.89
N PRO A 13 14.89 32.81 4.81
CA PRO A 13 13.76 33.07 5.70
C PRO A 13 12.46 33.49 5.01
N GLN A 14 12.57 34.09 3.82
CA GLN A 14 11.41 34.52 3.05
C GLN A 14 10.41 33.39 2.77
N VAL A 15 10.90 32.15 2.67
CA VAL A 15 10.06 30.98 2.37
C VAL A 15 9.96 29.96 3.51
N THR A 16 10.64 30.22 4.64
CA THR A 16 10.80 29.22 5.70
C THR A 16 9.72 29.31 6.79
N ASP A 17 9.04 28.20 7.06
CA ASP A 17 8.20 28.04 8.25
C ASP A 17 9.03 27.39 9.37
N LYS A 18 9.72 26.31 9.03
CA LYS A 18 10.55 25.59 9.99
C LYS A 18 11.82 25.11 9.28
N TYR A 19 12.95 25.21 9.99
CA TYR A 19 14.26 24.94 9.43
C TYR A 19 14.90 23.85 10.28
N TYR A 20 15.40 22.80 9.62
CA TYR A 20 16.12 21.70 10.27
C TYR A 20 17.53 21.68 9.71
N LYS A 21 18.52 21.75 10.58
CA LYS A 21 19.90 21.67 10.16
C LYS A 21 20.37 20.28 10.49
N PHE A 22 20.84 19.55 9.49
CA PHE A 22 21.31 18.20 9.69
C PHE A 22 22.82 18.16 9.60
N ASP A 23 23.44 17.40 10.49
CA ASP A 23 24.89 17.24 10.49
C ASP A 23 25.33 16.30 9.38
N THR A 24 24.46 15.37 8.99
CA THR A 24 24.79 14.36 7.97
C THR A 24 23.62 14.12 7.01
N PHE A 25 23.95 13.70 5.81
CA PHE A 25 22.96 13.36 4.78
C PHE A 25 22.14 12.15 5.27
N LYS A 26 22.82 11.21 5.93
CA LYS A 26 22.15 10.05 6.48
C LYS A 26 21.04 10.46 7.45
N HIS A 27 21.31 11.39 8.37
CA HIS A 27 20.30 11.84 9.29
C HIS A 27 19.13 12.57 8.58
N LEU A 28 19.45 13.35 7.55
CA LEU A 28 18.42 13.99 6.71
C LEU A 28 17.50 12.93 6.05
N ILE A 29 18.12 11.89 5.49
CA ILE A 29 17.36 10.79 4.88
C ILE A 29 16.44 10.11 5.90
N CYS A 30 16.94 9.89 7.11
CA CYS A 30 16.13 9.24 8.14
C CYS A 30 14.92 10.08 8.52
N HIS A 31 15.10 11.39 8.59
CA HIS A 31 14.00 12.32 8.81
C HIS A 31 12.93 12.16 7.73
N LEU A 32 13.37 12.04 6.47
CA LEU A 32 12.44 11.88 5.35
C LEU A 32 11.71 10.55 5.40
N PHE A 33 12.41 9.46 5.72
CA PHE A 33 11.76 8.12 5.80
C PHE A 33 10.62 8.11 6.83
N LYS A 34 10.78 8.86 7.91
CA LYS A 34 9.80 8.86 9.01
C LYS A 34 8.52 9.64 8.69
N LYS A 35 8.55 10.46 7.63
CA LYS A 35 7.36 11.23 7.24
C LYS A 35 6.10 10.41 6.95
N THR A 36 6.27 9.17 6.47
CA THR A 36 5.11 8.32 6.19
C THR A 36 4.65 7.49 7.42
N SER A 37 5.11 7.86 8.61
CA SER A 37 4.65 7.21 9.84
C SER A 37 3.30 7.77 10.30
N THR A 38 2.92 8.92 9.74
CA THR A 38 1.72 9.66 10.17
C THR A 38 0.48 9.21 9.41
N GLU A 39 -0.67 9.79 9.76
CA GLU A 39 -1.93 9.47 9.09
C GLU A 39 -2.37 10.56 8.12
N THR A 40 -1.47 11.47 7.76
CA THR A 40 -1.83 12.63 6.93
C THR A 40 -0.82 12.78 5.79
N ASP A 41 -1.28 13.26 4.64
CA ASP A 41 -0.37 13.60 3.52
C ASP A 41 0.56 14.73 3.95
N SER A 42 1.83 14.69 3.52
CA SER A 42 2.70 15.86 3.64
C SER A 42 2.05 16.96 2.81
N ASN A 43 1.82 18.12 3.42
CA ASN A 43 1.04 19.16 2.75
C ASN A 43 1.74 20.52 2.69
N VAL A 44 3.05 20.51 2.84
CA VAL A 44 3.87 21.71 2.70
C VAL A 44 5.04 21.38 1.78
N PRO A 45 5.51 22.35 0.99
CA PRO A 45 6.69 22.07 0.19
C PRO A 45 7.90 21.90 1.09
N ILE A 46 8.81 21.01 0.69
CA ILE A 46 10.04 20.78 1.41
C ILE A 46 11.19 21.27 0.54
N VAL A 47 12.05 22.11 1.12
CA VAL A 47 13.25 22.59 0.43
C VAL A 47 14.47 21.95 1.07
N ILE A 48 15.30 21.29 0.26
CA ILE A 48 16.57 20.73 0.75
C ILE A 48 17.74 21.56 0.21
N ILE A 49 18.58 22.04 1.12
CA ILE A 49 19.74 22.87 0.76
C ILE A 49 21.00 22.02 0.90
N PHE A 50 21.63 21.76 -0.25
CA PHE A 50 22.90 21.05 -0.33
C PHE A 50 24.06 22.06 -0.41
N PRO A 51 25.29 21.60 -0.13
CA PRO A 51 26.49 22.44 -0.37
C PRO A 51 26.70 22.72 -1.86
N THR A 52 27.24 23.90 -2.17
CA THR A 52 27.48 24.27 -3.58
C THR A 52 28.53 23.35 -4.21
N ASN A 75 34.24 12.24 7.75
CA ASN A 75 33.21 11.17 7.55
C ASN A 75 33.77 9.92 6.89
N THR A 76 33.52 8.78 7.52
CA THR A 76 33.71 7.48 6.88
C THR A 76 32.52 7.12 5.97
N SER A 77 31.41 7.84 6.10
CA SER A 77 30.15 7.48 5.44
C SER A 77 30.14 7.66 3.93
N LYS A 78 29.85 6.58 3.21
CA LYS A 78 29.67 6.65 1.76
C LYS A 78 28.43 7.49 1.38
N LEU A 79 27.36 7.39 2.15
CA LEU A 79 26.16 8.20 1.89
C LEU A 79 26.48 9.68 1.98
N ASP A 80 27.13 10.06 3.08
CA ASP A 80 27.44 11.46 3.35
C ASP A 80 28.43 12.04 2.31
N ASN A 81 29.30 11.18 1.77
CA ASN A 81 30.31 11.58 0.80
C ASN A 81 29.93 11.44 -0.68
N LEU A 82 28.65 11.14 -0.97
CA LEU A 82 28.20 11.02 -2.36
C LEU A 82 28.36 12.34 -3.09
N PRO A 83 28.72 12.28 -4.39
CA PRO A 83 28.64 13.50 -5.18
C PRO A 83 27.21 14.03 -5.19
N PHE A 84 27.07 15.31 -5.48
CA PHE A 84 25.74 15.94 -5.50
C PHE A 84 24.79 15.24 -6.48
N SER A 85 25.30 14.83 -7.64
CA SER A 85 24.49 14.11 -8.63
C SER A 85 23.83 12.86 -8.05
N ASP A 86 24.56 12.10 -7.23
CA ASP A 86 24.03 10.91 -6.55
C ASP A 86 23.08 11.22 -5.39
N LYS A 87 23.40 12.25 -4.60
CA LYS A 87 22.52 12.69 -3.52
C LYS A 87 21.19 13.13 -4.09
N SER A 88 21.27 13.89 -5.17
CA SER A 88 20.11 14.41 -5.87
C SER A 88 19.27 13.27 -6.47
N LEU A 89 19.94 12.28 -7.08
CA LEU A 89 19.29 11.10 -7.63
C LEU A 89 18.53 10.34 -6.53
N LEU A 90 19.18 10.16 -5.39
CA LEU A 90 18.58 9.48 -4.25
C LEU A 90 17.27 10.17 -3.80
N ILE A 91 17.32 11.48 -3.59
CA ILE A 91 16.16 12.25 -3.14
C ILE A 91 15.05 12.24 -4.21
N GLN A 92 15.41 12.49 -5.45
CA GLN A 92 14.46 12.49 -6.57
C GLN A 92 13.68 11.18 -6.68
N PHE A 93 14.38 10.05 -6.52
CA PHE A 93 13.77 8.74 -6.74
C PHE A 93 13.08 8.22 -5.49
N PHE A 94 13.79 8.18 -4.38
CA PHE A 94 13.23 7.57 -3.17
C PHE A 94 12.26 8.48 -2.44
N PHE A 95 12.32 9.80 -2.67
CA PHE A 95 11.46 10.73 -1.93
C PHE A 95 10.61 11.62 -2.83
N THR A 96 10.28 11.07 -3.99
CA THR A 96 9.40 11.70 -4.97
C THR A 96 8.09 12.13 -4.31
N HIS A 97 7.58 11.28 -3.43
CA HIS A 97 6.28 11.48 -2.76
C HIS A 97 6.21 12.67 -1.81
N LEU A 98 7.35 13.32 -1.52
CA LEU A 98 7.40 14.39 -0.52
C LEU A 98 7.46 15.85 -1.01
N ASN A 99 7.23 16.11 -2.29
CA ASN A 99 7.13 17.50 -2.82
C ASN A 99 8.37 18.33 -2.51
N ILE A 100 9.52 17.81 -2.92
CA ILE A 100 10.82 18.40 -2.56
C ILE A 100 11.37 19.27 -3.69
N LEU A 101 11.85 20.46 -3.33
CA LEU A 101 12.72 21.28 -4.18
C LEU A 101 14.14 21.25 -3.61
N MET A 102 15.11 20.91 -4.46
CA MET A 102 16.51 20.85 -4.05
C MET A 102 17.24 22.07 -4.58
N ILE A 103 17.99 22.75 -3.72
CA ILE A 103 18.86 23.85 -4.13
C ILE A 103 20.29 23.63 -3.64
N GLN A 104 21.25 24.28 -4.29
CA GLN A 104 22.62 24.33 -3.75
C GLN A 104 23.20 25.74 -3.84
N ASP A 109 18.07 32.62 -7.32
CA ASP A 109 16.86 33.31 -7.86
C ASP A 109 15.75 33.35 -6.80
N GLU A 110 15.67 34.47 -6.07
CA GLU A 110 14.70 34.63 -4.98
C GLU A 110 13.26 34.70 -5.45
N GLY A 111 13.04 35.37 -6.59
CA GLY A 111 11.71 35.53 -7.15
C GLY A 111 11.12 34.23 -7.67
N LYS A 112 11.96 33.44 -8.34
CA LYS A 112 11.56 32.12 -8.83
C LYS A 112 11.28 31.17 -7.67
N LEU A 113 12.19 31.14 -6.69
CA LEU A 113 12.06 30.26 -5.52
C LEU A 113 10.79 30.55 -4.73
N TYR A 114 10.55 31.81 -4.41
CA TYR A 114 9.38 32.20 -3.63
C TYR A 114 8.08 31.85 -4.38
N GLN A 115 8.04 32.17 -5.68
CA GLN A 115 6.87 31.91 -6.53
C GLN A 115 6.58 30.41 -6.63
N GLU A 116 7.64 29.63 -6.88
CA GLU A 116 7.54 28.19 -6.95
C GLU A 116 7.01 27.58 -5.64
N ILE A 117 7.60 27.99 -4.52
CA ILE A 117 7.17 27.48 -3.21
C ILE A 117 5.76 27.95 -2.86
N SER A 118 5.45 29.21 -3.15
CA SER A 118 4.12 29.74 -2.85
C SER A 118 3.04 29.02 -3.66
N SER A 119 3.29 28.82 -4.95
CA SER A 119 2.36 28.11 -5.80
C SER A 119 2.16 26.67 -5.30
N ALA A 120 3.26 25.98 -4.98
CA ALA A 120 3.16 24.62 -4.46
C ALA A 120 2.39 24.55 -3.15
N LYS A 121 2.67 25.48 -2.23
CA LYS A 121 1.93 25.49 -0.98
C LYS A 121 0.42 25.63 -1.21
N GLU A 122 0.04 26.54 -2.10
CA GLU A 122 -1.37 26.80 -2.41
C GLU A 122 -2.06 25.53 -2.95
N LEU A 123 -1.31 24.71 -3.68
CA LEU A 123 -1.86 23.48 -4.26
C LEU A 123 -1.81 22.26 -3.33
N LEU A 124 -0.92 22.28 -2.33
CA LEU A 124 -0.74 21.13 -1.45
C LEU A 124 -1.56 21.17 -0.17
N THR A 125 -1.97 22.36 0.26
CA THR A 125 -2.57 22.49 1.58
C THR A 125 -3.78 21.59 1.79
N ASN A 126 -4.67 21.55 0.79
CA ASN A 126 -5.97 20.89 0.89
C ASN A 126 -5.99 19.53 0.20
N ARG A 127 -6.58 18.56 0.89
CA ARG A 127 -6.67 17.17 0.43
C ARG A 127 -7.30 17.02 -0.94
N ILE A 128 -8.35 17.79 -1.19
CA ILE A 128 -9.06 17.66 -2.45
C ILE A 128 -8.20 18.25 -3.58
N SER A 129 -7.51 19.34 -3.30
CA SER A 129 -6.54 19.91 -4.24
C SER A 129 -5.43 18.87 -4.56
N ARG A 130 -4.95 18.20 -3.53
CA ARG A 130 -3.86 17.22 -3.67
C ARG A 130 -4.25 16.05 -4.59
N VAL A 131 -5.44 15.52 -4.39
CA VAL A 131 -5.93 14.41 -5.20
C VAL A 131 -6.10 14.86 -6.66
N GLY A 132 -6.62 16.06 -6.86
CA GLY A 132 -6.74 16.62 -8.21
C GLY A 132 -5.39 16.76 -8.90
N ASN A 133 -4.37 17.17 -8.15
CA ASN A 133 -3.01 17.29 -8.70
C ASN A 133 -2.52 15.93 -9.18
N TRP A 134 -2.60 14.93 -8.30
CA TRP A 134 -2.05 13.60 -8.60
C TRP A 134 -2.73 12.98 -9.81
N THR A 135 -4.07 13.14 -9.90
CA THR A 135 -4.85 12.48 -10.94
C THR A 135 -4.93 13.30 -12.23
N GLY A 136 -4.45 14.55 -12.22
CA GLY A 136 -4.49 15.41 -13.40
C GLY A 136 -5.89 15.86 -13.78
N THR A 137 -6.77 15.94 -12.79
CA THR A 137 -8.20 16.27 -13.06
C THR A 137 -8.58 17.70 -12.68
N THR A 138 -7.65 18.44 -12.06
CA THR A 138 -7.87 19.85 -11.72
C THR A 138 -6.85 20.80 -12.39
N HIS A 139 -6.68 20.69 -13.70
CA HIS A 139 -5.82 21.60 -14.49
C HIS A 139 -6.08 23.06 -14.12
N PHE A 140 -7.35 23.42 -14.02
CA PHE A 140 -7.76 24.81 -13.77
C PHE A 140 -7.16 25.44 -12.51
N ARG A 141 -6.80 24.61 -11.51
CA ARG A 141 -6.17 25.11 -10.30
C ARG A 141 -4.68 25.33 -10.51
N TYR A 142 -4.00 24.27 -10.93
CA TYR A 142 -2.53 24.29 -10.97
C TYR A 142 -1.97 24.90 -12.26
N SER A 156 5.67 16.70 -16.68
CA SER A 156 6.57 17.24 -15.62
C SER A 156 5.84 17.38 -14.28
N LYS A 157 6.54 17.88 -13.28
CA LYS A 157 5.98 18.13 -11.96
C LYS A 157 5.27 19.47 -11.92
N ILE A 158 4.21 19.54 -11.12
CA ILE A 158 3.44 20.78 -10.96
C ILE A 158 4.26 21.77 -10.11
N ALA A 159 4.49 22.96 -10.67
CA ALA A 159 5.38 23.97 -10.09
C ALA A 159 6.81 23.47 -9.88
N GLY A 160 7.22 22.50 -10.70
CA GLY A 160 8.51 21.87 -10.56
C GLY A 160 8.67 21.04 -9.30
N ILE A 161 7.58 20.82 -8.56
CA ILE A 161 7.69 20.21 -7.24
C ILE A 161 6.74 19.03 -6.99
N ILE A 162 5.51 19.12 -7.47
CA ILE A 162 4.51 18.14 -7.09
C ILE A 162 4.38 17.05 -8.16
N PRO A 163 4.59 15.78 -7.78
CA PRO A 163 4.54 14.73 -8.79
C PRO A 163 3.11 14.33 -9.14
N THR A 164 2.91 13.93 -10.38
CA THR A 164 1.64 13.40 -10.83
C THR A 164 1.80 11.93 -11.14
N MET A 165 0.68 11.24 -11.26
CA MET A 165 0.69 9.82 -11.59
C MET A 165 1.41 9.55 -12.91
N THR A 166 1.12 10.34 -13.93
CA THR A 166 1.76 10.13 -15.24
C THR A 166 3.27 10.37 -15.19
N TYR A 167 3.70 11.34 -14.38
CA TYR A 167 5.12 11.65 -14.23
C TYR A 167 5.88 10.46 -13.63
N ILE A 168 5.32 9.89 -12.57
CA ILE A 168 5.95 8.78 -11.89
C ILE A 168 5.95 7.54 -12.79
N LEU A 169 4.82 7.31 -13.45
CA LEU A 169 4.71 6.18 -14.37
C LEU A 169 5.74 6.26 -15.49
N ASN A 170 5.84 7.43 -16.12
CA ASN A 170 6.78 7.66 -17.22
C ASN A 170 8.23 7.56 -16.76
N CYS A 171 8.54 8.13 -15.60
CA CYS A 171 9.90 8.10 -15.09
C CYS A 171 10.36 6.66 -14.86
N ASN A 172 9.49 5.81 -14.33
CA ASN A 172 9.88 4.44 -14.05
C ASN A 172 9.86 3.50 -15.25
N ALA A 173 9.16 3.88 -16.31
CA ALA A 173 9.14 3.07 -17.53
C ALA A 173 10.35 3.36 -18.46
N THR A 174 10.90 4.57 -18.38
CA THR A 174 11.90 5.01 -19.36
C THR A 174 13.34 5.05 -18.83
N ARG A 175 13.52 4.51 -17.63
CA ARG A 175 14.79 4.60 -16.92
C ARG A 175 15.85 3.78 -17.66
N SER A 176 17.07 4.32 -17.84
CA SER A 176 18.13 3.55 -18.53
C SER A 176 18.69 2.46 -17.62
N GLU A 177 19.42 1.51 -18.20
CA GLU A 177 20.03 0.47 -17.41
C GLU A 177 21.07 1.05 -16.43
N ILE A 178 21.80 2.08 -16.87
CA ILE A 178 22.79 2.77 -16.03
C ILE A 178 22.11 3.47 -14.84
N ALA A 179 21.00 4.13 -15.09
CA ALA A 179 20.28 4.78 -14.00
C ALA A 179 19.75 3.73 -13.03
N THR A 180 19.24 2.63 -13.56
CA THR A 180 18.71 1.53 -12.74
C THR A 180 19.76 0.96 -11.80
N ASN A 181 20.97 0.71 -12.31
CA ASN A 181 22.00 0.14 -11.46
C ASN A 181 22.53 1.10 -10.43
N GLN A 182 22.51 2.39 -10.75
CA GLN A 182 22.91 3.42 -9.81
C GLN A 182 21.89 3.52 -8.66
N LEU A 183 20.60 3.46 -8.97
CA LEU A 183 19.57 3.42 -7.91
C LEU A 183 19.70 2.19 -7.01
N ILE A 184 20.03 1.03 -7.60
CA ILE A 184 20.26 -0.20 -6.85
C ILE A 184 21.44 -0.01 -5.91
N TYR A 185 22.48 0.65 -6.41
CA TYR A 185 23.67 0.95 -5.63
C TYR A 185 23.35 1.83 -4.43
N LEU A 186 22.54 2.87 -4.66
CA LEU A 186 22.12 3.78 -3.59
C LEU A 186 21.19 3.08 -2.60
N TYR A 187 20.33 2.19 -3.08
CA TYR A 187 19.47 1.40 -2.21
C TYR A 187 20.33 0.56 -1.26
N ARG A 188 21.32 -0.12 -1.83
CA ARG A 188 22.20 -0.99 -1.03
C ARG A 188 23.05 -0.19 -0.03
N LEU A 189 23.44 1.02 -0.42
CA LEU A 189 24.18 1.92 0.47
C LEU A 189 23.34 2.26 1.69
N MET A 190 22.06 2.57 1.47
CA MET A 190 21.17 2.87 2.61
C MET A 190 21.02 1.67 3.54
N ILE A 191 20.94 0.46 3.00
CA ILE A 191 20.83 -0.75 3.83
C ILE A 191 22.08 -0.90 4.69
N GLU A 192 23.22 -0.57 4.09
CA GLU A 192 24.52 -0.68 4.75
C GLU A 192 24.67 0.32 5.89
N GLU A 193 24.19 1.55 5.69
CA GLU A 193 24.38 2.63 6.66
C GLU A 193 23.22 2.96 7.58
N ILE A 194 21.99 2.67 7.17
CA ILE A 194 20.82 3.00 8.00
C ILE A 194 20.31 1.77 8.73
N ASN A 195 20.04 1.94 10.02
CA ASN A 195 19.45 0.89 10.85
C ASN A 195 17.94 1.12 10.90
N PHE A 196 17.22 0.46 10.00
CA PHE A 196 15.81 0.79 9.79
C PHE A 196 14.89 0.52 10.99
N ILE A 197 15.23 -0.46 11.82
CA ILE A 197 14.45 -0.73 13.03
C ILE A 197 14.40 0.48 13.96
N GLU A 198 15.46 1.29 13.96
CA GLU A 198 15.51 2.49 14.80
C GLU A 198 14.58 3.59 14.31
N LEU A 199 14.07 3.48 13.09
CA LEU A 199 13.16 4.47 12.54
C LEU A 199 11.70 4.19 12.89
N LEU A 200 11.46 3.08 13.60
CA LEU A 200 10.14 2.79 14.16
C LEU A 200 10.04 3.39 15.55
N GLN A 201 8.86 3.86 15.93
CA GLN A 201 8.69 4.50 17.23
C GLN A 201 8.78 3.54 18.41
N ASP A 202 8.19 2.35 18.27
CA ASP A 202 8.20 1.35 19.35
C ASP A 202 8.56 -0.03 18.80
N ALA A 203 9.85 -0.37 18.92
CA ALA A 203 10.34 -1.70 18.59
C ALA A 203 10.70 -2.49 19.85
N SER A 204 10.06 -2.17 20.98
CA SER A 204 10.29 -2.90 22.23
C SER A 204 9.88 -4.35 22.08
N THR A 205 10.47 -5.23 22.90
CA THR A 205 10.17 -6.64 22.84
C THR A 205 8.67 -6.89 23.00
N THR A 206 8.05 -6.19 23.95
CA THR A 206 6.61 -6.35 24.16
C THR A 206 5.81 -5.96 22.93
N ARG A 207 6.12 -4.83 22.31
CA ARG A 207 5.39 -4.42 21.10
C ARG A 207 5.55 -5.40 19.95
N LEU A 208 6.79 -5.79 19.66
CA LEU A 208 7.04 -6.73 18.56
C LEU A 208 6.30 -8.06 18.78
N SER A 209 6.25 -8.52 20.03
CA SER A 209 5.50 -9.72 20.37
C SER A 209 4.00 -9.50 20.15
N GLN A 210 3.48 -8.36 20.56
CA GLN A 210 2.06 -8.04 20.35
C GLN A 210 1.71 -8.10 18.87
N LEU A 211 2.61 -7.60 18.03
CA LEU A 211 2.37 -7.58 16.59
C LEU A 211 2.34 -8.98 16.00
N CYS A 212 3.14 -9.90 16.54
CA CYS A 212 3.08 -11.30 16.15
C CYS A 212 1.67 -11.85 16.35
N TYR A 213 1.11 -11.64 17.54
CA TYR A 213 -0.25 -12.10 17.86
C TYR A 213 -1.34 -11.36 17.09
N ALA A 214 -1.16 -10.06 16.85
CA ALA A 214 -2.07 -9.32 15.95
C ALA A 214 -2.12 -9.97 14.55
N VAL A 215 -0.93 -10.20 13.97
CA VAL A 215 -0.85 -10.91 12.69
C VAL A 215 -1.55 -12.29 12.78
N GLY A 216 -1.50 -12.89 13.96
CA GLY A 216 -2.17 -14.15 14.22
C GLY A 216 -3.68 -14.16 14.25
N HIS A 217 -4.33 -13.02 14.48
CA HIS A 217 -5.81 -12.94 14.51
C HIS A 217 -6.44 -12.73 13.14
N TRP A 218 -7.51 -13.45 12.84
CA TRP A 218 -8.34 -13.13 11.67
C TRP A 218 -9.02 -11.79 11.88
N SER A 219 -9.32 -11.45 13.13
CA SER A 219 -9.81 -10.11 13.46
C SER A 219 -8.62 -9.15 13.55
N PHE A 220 -7.97 -8.93 12.41
CA PHE A 220 -6.73 -8.15 12.36
C PHE A 220 -7.04 -6.70 12.71
N PRO A 221 -6.49 -6.21 13.83
CA PRO A 221 -6.90 -4.91 14.36
C PRO A 221 -6.17 -3.76 13.65
N ALA A 222 -6.29 -3.72 12.32
CA ALA A 222 -5.53 -2.78 11.50
C ALA A 222 -5.63 -1.35 11.98
N HIS A 223 -6.81 -0.95 12.45
CA HIS A 223 -7.02 0.45 12.82
C HIS A 223 -6.40 0.86 14.14
N ASN A 224 -5.98 -0.12 14.93
CA ASN A 224 -5.23 0.15 16.15
C ASN A 224 -3.73 0.03 15.96
N LEU A 225 -3.29 -0.18 14.71
CA LEU A 225 -1.86 -0.31 14.44
C LEU A 225 -1.37 0.92 13.69
N SER A 226 -0.27 1.48 14.17
CA SER A 226 0.34 2.63 13.50
C SER A 226 1.01 2.19 12.20
N ASN A 227 1.32 3.17 11.34
CA ASN A 227 2.08 2.89 10.15
C ASN A 227 3.47 2.29 10.45
N ASP A 228 4.04 2.61 11.61
CA ASP A 228 5.28 1.96 12.05
C ASP A 228 5.04 0.50 12.44
N ASP A 229 4.03 0.24 13.26
CA ASP A 229 3.64 -1.14 13.60
C ASP A 229 3.42 -1.95 12.32
N LEU A 230 2.74 -1.33 11.36
CA LEU A 230 2.37 -2.02 10.12
C LEU A 230 3.59 -2.46 9.30
N VAL A 231 4.64 -1.65 9.32
CA VAL A 231 5.91 -2.03 8.69
C VAL A 231 6.40 -3.34 9.30
N TYR A 232 6.40 -3.41 10.63
CA TYR A 232 6.88 -4.63 11.28
C TYR A 232 5.97 -5.83 10.99
N CYS A 233 4.66 -5.62 10.94
CA CYS A 233 3.74 -6.67 10.52
C CYS A 233 4.08 -7.26 9.15
N VAL A 234 4.39 -6.39 8.20
CA VAL A 234 4.81 -6.86 6.89
C VAL A 234 6.09 -7.71 6.99
N TYR A 235 7.04 -7.23 7.78
CA TYR A 235 8.28 -7.97 7.98
C TYR A 235 8.00 -9.38 8.52
N LEU A 236 7.15 -9.48 9.54
CA LEU A 236 6.79 -10.78 10.12
C LEU A 236 6.25 -11.75 9.07
N MET A 237 5.34 -11.26 8.23
CA MET A 237 4.70 -12.09 7.22
C MET A 237 5.60 -12.48 6.07
N ILE A 238 6.34 -11.52 5.53
CA ILE A 238 7.21 -11.81 4.40
C ILE A 238 8.44 -12.63 4.80
N ASP A 239 9.06 -12.30 5.94
CA ASP A 239 10.20 -13.09 6.42
C ASP A 239 9.78 -14.55 6.60
N TYR A 240 8.61 -14.76 7.17
CA TYR A 240 8.05 -16.10 7.43
C TYR A 240 7.86 -16.89 6.14
N ALA A 241 7.35 -16.23 5.11
CA ALA A 241 7.18 -16.84 3.80
C ALA A 241 8.51 -17.16 3.13
N ILE A 242 9.46 -16.22 3.19
CA ILE A 242 10.80 -16.43 2.62
C ILE A 242 11.48 -17.66 3.24
N LYS A 243 11.36 -17.82 4.55
CA LYS A 243 11.95 -18.96 5.26
C LYS A 243 11.46 -20.34 4.78
N GLN A 244 10.29 -20.40 4.15
CA GLN A 244 9.76 -21.66 3.64
C GLN A 244 10.26 -21.99 2.22
N VAL A 245 10.91 -21.05 1.54
CA VAL A 245 11.32 -21.27 0.16
C VAL A 245 12.70 -21.90 0.14
N GLU A 246 12.76 -23.14 -0.37
CA GLU A 246 13.94 -23.99 -0.30
C GLU A 246 15.23 -23.31 -0.78
N GLY A 247 15.36 -23.10 -2.09
CA GLY A 247 16.62 -22.62 -2.65
C GLY A 247 16.73 -21.11 -2.68
N PHE A 248 16.34 -20.47 -1.59
CA PHE A 248 16.16 -19.02 -1.53
C PHE A 248 16.80 -18.47 -0.26
N ASP A 249 17.89 -17.73 -0.42
CA ASP A 249 18.61 -17.17 0.72
C ASP A 249 17.70 -16.31 1.59
N ASN A 250 17.75 -16.50 2.90
CA ASN A 250 17.03 -15.63 3.84
C ASN A 250 17.60 -14.22 3.79
N ILE A 251 16.73 -13.24 3.99
CA ILE A 251 17.09 -11.84 3.84
C ILE A 251 17.07 -11.24 5.24
N PRO A 252 18.18 -10.58 5.66
CA PRO A 252 18.29 -10.04 7.02
C PRO A 252 17.20 -9.02 7.35
N LEU A 253 16.89 -8.88 8.63
CA LEU A 253 15.94 -7.88 9.14
C LEU A 253 16.07 -6.50 8.48
N ASN A 254 17.29 -5.95 8.47
CA ASN A 254 17.47 -4.57 7.97
C ASN A 254 17.15 -4.41 6.50
N GLU A 255 17.48 -5.42 5.71
CA GLU A 255 17.24 -5.42 4.27
C GLU A 255 15.74 -5.52 3.96
N LEU A 256 15.03 -6.38 4.67
CA LEU A 256 13.57 -6.46 4.52
C LEU A 256 12.89 -5.17 4.98
N LEU A 257 13.32 -4.62 6.11
CA LEU A 257 12.75 -3.35 6.56
C LEU A 257 12.98 -2.23 5.54
N ALA A 258 14.16 -2.14 4.94
CA ALA A 258 14.40 -1.10 3.93
C ALA A 258 13.38 -1.21 2.78
N PHE A 259 13.21 -2.41 2.27
CA PHE A 259 12.23 -2.69 1.23
C PHE A 259 10.83 -2.26 1.65
N ILE A 260 10.45 -2.58 2.87
CA ILE A 260 9.10 -2.26 3.34
C ILE A 260 8.90 -0.75 3.53
N PHE A 261 9.94 -0.05 3.98
CA PHE A 261 9.86 1.42 4.06
C PHE A 261 9.63 2.03 2.68
N ILE A 262 10.33 1.50 1.69
CA ILE A 262 10.17 1.93 0.30
C ILE A 262 8.74 1.69 -0.19
N VAL A 263 8.17 0.53 0.13
CA VAL A 263 6.78 0.23 -0.22
C VAL A 263 5.82 1.19 0.48
N ARG A 264 6.00 1.38 1.78
CA ARG A 264 5.14 2.31 2.54
C ARG A 264 5.15 3.70 1.91
N ASP A 265 6.34 4.15 1.49
CA ASP A 265 6.51 5.44 0.84
C ASP A 265 5.76 5.61 -0.50
N THR A 266 5.34 4.51 -1.12
CA THR A 266 4.56 4.60 -2.34
C THR A 266 3.05 4.69 -2.10
N TYR A 267 2.63 4.50 -0.85
CA TYR A 267 1.22 4.62 -0.48
C TYR A 267 0.95 6.02 0.04
N LYS A 268 -0.22 6.57 -0.27
CA LYS A 268 -0.55 7.93 0.16
C LYS A 268 -1.21 7.92 1.55
N ASN A 269 -0.52 8.48 2.54
CA ASN A 269 -0.93 8.35 3.94
C ASN A 269 -2.23 9.00 4.26
N GLY A 270 -2.56 10.06 3.53
CA GLY A 270 -3.83 10.77 3.72
C GLY A 270 -5.03 10.12 3.05
N ASN A 271 -4.85 9.04 2.31
CA ASN A 271 -6.00 8.33 1.75
C ASN A 271 -6.73 7.70 2.95
N PRO A 272 -8.05 7.95 3.07
CA PRO A 272 -8.71 7.30 4.22
C PRO A 272 -8.73 5.77 4.13
N PHE A 273 -8.91 5.23 2.94
CA PHE A 273 -8.99 3.78 2.76
C PHE A 273 -7.78 3.16 2.06
N HIS A 274 -7.49 3.60 0.82
CA HIS A 274 -6.41 3.01 0.00
C HIS A 274 -5.02 3.51 0.38
N ASN A 275 -4.62 3.17 1.60
CA ASN A 275 -3.32 3.56 2.16
C ASN A 275 -2.53 2.31 2.49
N PHE A 276 -1.39 2.49 3.14
CA PHE A 276 -0.52 1.36 3.48
C PHE A 276 -1.22 0.38 4.42
N ARG A 277 -2.07 0.90 5.30
CA ARG A 277 -2.85 0.04 6.22
C ARG A 277 -3.73 -0.96 5.45
N HIS A 278 -4.38 -0.51 4.37
CA HIS A 278 -5.19 -1.39 3.50
C HIS A 278 -4.32 -2.46 2.84
N ALA A 279 -3.15 -2.05 2.33
CA ALA A 279 -2.23 -2.99 1.72
C ALA A 279 -1.83 -4.10 2.69
N VAL A 280 -1.51 -3.71 3.91
CA VAL A 280 -1.05 -4.65 4.93
C VAL A 280 -2.23 -5.55 5.37
N ASP A 281 -3.41 -4.97 5.47
CA ASP A 281 -4.63 -5.74 5.72
C ASP A 281 -4.86 -6.82 4.66
N VAL A 282 -4.77 -6.45 3.37
CA VAL A 282 -4.93 -7.41 2.27
C VAL A 282 -3.84 -8.47 2.28
N LEU A 283 -2.62 -8.07 2.57
CA LEU A 283 -1.51 -9.02 2.72
C LEU A 283 -1.83 -10.02 3.84
N GLN A 284 -2.30 -9.50 4.96
CA GLN A 284 -2.62 -10.32 6.13
C GLN A 284 -3.76 -11.29 5.87
N ALA A 285 -4.78 -10.85 5.13
CA ALA A 285 -5.84 -11.75 4.67
C ALA A 285 -5.28 -12.87 3.84
N CYS A 286 -4.48 -12.53 2.82
CA CYS A 286 -3.79 -13.54 2.00
C CYS A 286 -2.98 -14.48 2.88
N PHE A 287 -2.27 -13.90 3.84
CA PHE A 287 -1.43 -14.67 4.76
C PHE A 287 -2.27 -15.73 5.49
N HIS A 288 -3.41 -15.34 6.03
CA HIS A 288 -4.31 -16.30 6.69
C HIS A 288 -4.87 -17.35 5.72
N PHE A 289 -5.34 -16.92 4.54
CA PHE A 289 -5.79 -17.87 3.52
C PHE A 289 -4.74 -18.94 3.26
N LEU A 290 -3.51 -18.51 3.02
CA LEU A 290 -2.42 -19.41 2.70
C LEU A 290 -2.07 -20.38 3.83
N ILE A 291 -2.18 -19.93 5.08
CA ILE A 291 -1.96 -20.83 6.21
C ILE A 291 -3.06 -21.89 6.25
N ARG A 292 -4.31 -21.45 6.22
CA ARG A 292 -5.45 -22.35 6.29
C ARG A 292 -5.55 -23.30 5.09
N LEU A 293 -4.89 -22.94 3.99
CA LEU A 293 -4.76 -23.81 2.81
C LEU A 293 -3.56 -24.75 2.89
N GLY A 294 -2.75 -24.62 3.94
CA GLY A 294 -1.56 -25.44 4.09
C GLY A 294 -0.40 -25.05 3.22
N SER A 295 -0.47 -23.86 2.60
CA SER A 295 0.65 -23.35 1.81
C SER A 295 1.73 -22.74 2.69
N LEU A 296 1.35 -22.37 3.92
CA LEU A 296 2.29 -21.98 4.96
C LEU A 296 1.93 -22.73 6.22
N PRO A 297 2.94 -23.12 7.01
CA PRO A 297 2.63 -23.79 8.29
C PRO A 297 2.09 -22.83 9.32
N LYS A 298 1.29 -23.34 10.24
CA LYS A 298 0.77 -22.51 11.32
C LYS A 298 1.93 -22.17 12.24
N PHE A 299 1.75 -21.11 13.03
CA PHE A 299 2.79 -20.63 13.94
C PHE A 299 2.24 -20.49 15.35
N LYS A 300 3.13 -20.37 16.32
CA LYS A 300 2.71 -20.37 17.73
C LYS A 300 1.69 -19.27 18.04
N GLN A 301 1.83 -18.14 17.37
CA GLN A 301 1.00 -16.98 17.64
C GLN A 301 -0.29 -16.93 16.79
N PHE A 302 -0.52 -17.98 16.01
CA PHE A 302 -1.70 -18.07 15.16
C PHE A 302 -2.94 -18.43 15.99
N VAL A 303 -4.04 -17.72 15.76
CA VAL A 303 -5.28 -17.94 16.51
C VAL A 303 -6.23 -18.78 15.65
N GLU A 304 -6.39 -20.04 16.02
CA GLU A 304 -7.09 -21.01 15.18
C GLU A 304 -8.53 -20.61 14.84
N ASP A 305 -9.22 -19.96 15.77
CA ASP A 305 -10.64 -19.63 15.60
C ASP A 305 -10.80 -18.25 14.97
N PRO A 306 -11.22 -18.20 13.70
CA PRO A 306 -11.26 -16.92 12.99
C PRO A 306 -12.36 -15.97 13.46
N LYS A 307 -13.32 -16.47 14.24
CA LYS A 307 -14.49 -15.67 14.62
C LYS A 307 -14.21 -14.82 15.87
N LEU A 308 -13.10 -15.09 16.55
CA LEU A 308 -12.75 -14.38 17.77
C LEU A 308 -12.39 -12.93 17.48
N ASP A 309 -12.71 -12.03 18.40
CA ASP A 309 -12.27 -10.65 18.30
C ASP A 309 -10.80 -10.56 18.73
N TYR A 310 -10.17 -9.42 18.51
CA TYR A 310 -8.76 -9.22 18.89
C TYR A 310 -8.56 -9.05 20.39
N THR A 311 -7.66 -9.87 20.93
CA THR A 311 -7.16 -9.69 22.28
C THR A 311 -5.65 -9.41 22.21
N GLU A 312 -5.22 -8.38 22.93
CA GLU A 312 -3.83 -7.96 22.95
C GLU A 312 -2.97 -8.91 23.81
N VAL A 313 -2.31 -9.83 23.12
CA VAL A 313 -1.53 -10.89 23.74
C VAL A 313 -0.06 -10.69 23.43
N HIS A 314 0.81 -11.08 24.37
CA HIS A 314 2.23 -11.17 24.08
C HIS A 314 2.96 -12.20 24.92
N ASP A 315 4.16 -12.57 24.47
CA ASP A 315 5.04 -13.50 25.16
C ASP A 315 6.50 -13.10 24.87
N LYS A 316 7.45 -14.04 24.91
CA LYS A 316 8.87 -13.68 24.74
C LYS A 316 9.37 -13.66 23.29
N HIS A 317 8.54 -14.08 22.34
CA HIS A 317 8.98 -14.19 20.95
C HIS A 317 8.72 -12.88 20.20
N THR A 318 9.65 -12.47 19.34
CA THR A 318 9.48 -11.26 18.51
C THR A 318 9.27 -11.56 17.03
N VAL A 319 9.33 -12.84 16.65
CA VAL A 319 9.00 -13.26 15.29
C VAL A 319 8.06 -14.46 15.32
N LEU A 320 7.44 -14.75 14.17
CA LEU A 320 6.51 -15.87 14.07
C LEU A 320 7.27 -17.19 14.20
N ILE A 321 6.82 -18.05 15.10
CA ILE A 321 7.49 -19.33 15.36
C ILE A 321 6.67 -20.46 14.75
N ALA A 322 7.17 -21.02 13.65
CA ALA A 322 6.47 -22.08 12.94
C ALA A 322 6.32 -23.34 13.81
N LEU A 323 5.16 -23.99 13.69
CA LEU A 323 4.92 -25.32 14.29
C LEU A 323 5.11 -26.38 13.21
N GLN A 324 5.13 -27.65 13.61
CA GLN A 324 5.21 -28.77 12.66
C GLN A 324 3.94 -29.63 12.68
N GLU A 330 -2.00 -34.00 1.25
CA GLU A 330 -1.38 -33.73 -0.09
C GLU A 330 -0.85 -32.29 -0.18
N LYS A 331 -0.27 -31.96 -1.33
CA LYS A 331 0.27 -30.62 -1.54
C LYS A 331 -0.83 -29.56 -1.58
N ALA A 332 -0.47 -28.35 -1.17
CA ALA A 332 -1.34 -27.20 -1.31
C ALA A 332 -1.34 -26.77 -2.77
N SER A 333 -2.34 -25.99 -3.16
CA SER A 333 -2.45 -25.52 -4.54
C SER A 333 -1.20 -24.69 -4.92
N LEU A 334 -0.83 -23.76 -4.05
CA LEU A 334 0.33 -22.89 -4.30
C LEU A 334 1.56 -23.35 -3.51
N ASN A 335 2.66 -23.54 -4.22
CA ASN A 335 3.93 -23.91 -3.61
C ASN A 335 4.60 -22.70 -2.90
N PRO A 336 5.78 -22.90 -2.28
CA PRO A 336 6.38 -21.82 -1.47
C PRO A 336 6.72 -20.53 -2.22
N ILE A 337 7.34 -20.62 -3.39
CA ILE A 337 7.67 -19.40 -4.15
C ILE A 337 6.43 -18.70 -4.70
N GLN A 338 5.43 -19.48 -5.12
CA GLN A 338 4.15 -18.92 -5.55
C GLN A 338 3.40 -18.28 -4.39
N THR A 339 3.52 -18.87 -3.21
CA THR A 339 2.94 -18.31 -1.99
C THR A 339 3.59 -16.95 -1.68
N LEU A 340 4.92 -16.89 -1.78
CA LEU A 340 5.66 -15.63 -1.58
C LEU A 340 5.25 -14.59 -2.63
N GLY A 341 5.13 -15.02 -3.89
CA GLY A 341 4.68 -14.15 -4.97
C GLY A 341 3.31 -13.55 -4.73
N LEU A 342 2.39 -14.35 -4.18
CA LEU A 342 1.05 -13.90 -3.87
C LEU A 342 1.12 -12.84 -2.76
N LEU A 343 1.90 -13.12 -1.73
CA LEU A 343 2.05 -12.20 -0.61
C LEU A 343 2.67 -10.87 -1.06
N VAL A 344 3.74 -10.94 -1.85
CA VAL A 344 4.37 -9.74 -2.41
C VAL A 344 3.36 -8.95 -3.28
N ALA A 345 2.59 -9.63 -4.13
CA ALA A 345 1.55 -8.95 -4.92
C ALA A 345 0.51 -8.27 -4.06
N ALA A 346 0.04 -8.92 -2.99
CA ALA A 346 -0.92 -8.29 -2.11
C ALA A 346 -0.33 -7.02 -1.49
N LEU A 347 0.94 -7.08 -1.08
CA LEU A 347 1.63 -5.93 -0.52
C LEU A 347 1.64 -4.72 -1.47
N GLY A 348 1.86 -4.98 -2.75
CA GLY A 348 1.99 -3.91 -3.75
C GLY A 348 0.75 -3.60 -4.56
N HIS A 349 -0.37 -4.26 -4.24
CA HIS A 349 -1.50 -4.27 -5.19
C HIS A 349 -2.20 -2.93 -5.39
N ASP A 350 -2.04 -1.98 -4.47
CA ASP A 350 -2.61 -0.65 -4.60
C ASP A 350 -1.55 0.47 -4.58
N VAL A 351 -0.29 0.15 -4.87
CA VAL A 351 0.76 1.17 -4.78
C VAL A 351 0.41 2.43 -5.58
N GLY A 352 0.58 3.58 -4.94
CA GLY A 352 0.42 4.87 -5.61
C GLY A 352 -1.03 5.27 -5.76
N HIS A 353 -1.94 4.56 -5.11
CA HIS A 353 -3.37 4.80 -5.29
C HIS A 353 -3.67 6.23 -4.86
N PRO A 354 -4.35 7.02 -5.72
CA PRO A 354 -4.56 8.44 -5.45
C PRO A 354 -5.81 8.78 -4.64
N GLY A 355 -6.56 7.76 -4.24
CA GLY A 355 -7.75 7.93 -3.41
C GLY A 355 -9.04 8.11 -4.22
N THR A 356 -9.02 7.71 -5.50
CA THR A 356 -10.20 7.80 -6.38
C THR A 356 -10.70 6.39 -6.77
N THR A 357 -11.35 6.24 -7.92
CA THR A 357 -11.86 4.96 -8.41
C THR A 357 -11.67 4.94 -9.91
N ASN A 358 -11.71 3.76 -10.52
CA ASN A 358 -11.66 3.66 -11.99
C ASN A 358 -12.79 4.48 -12.63
N ASP A 359 -14.00 4.38 -12.08
CA ASP A 359 -15.12 5.14 -12.62
C ASP A 359 -14.85 6.63 -12.68
N PHE A 360 -14.26 7.19 -11.63
CA PHE A 360 -13.96 8.61 -11.59
C PHE A 360 -12.89 8.97 -12.65
N MET A 361 -11.81 8.18 -12.69
CA MET A 361 -10.72 8.46 -13.63
C MET A 361 -11.23 8.41 -15.08
N ILE A 362 -12.11 7.46 -15.36
CA ILE A 362 -12.69 7.30 -16.70
C ILE A 362 -13.62 8.49 -17.02
N LYS A 363 -14.56 8.76 -16.12
CA LYS A 363 -15.60 9.76 -16.43
C LYS A 363 -15.03 11.17 -16.54
N PHE A 364 -13.97 11.47 -15.80
CA PHE A 364 -13.34 12.79 -15.85
C PHE A 364 -12.09 12.84 -16.74
N SER A 365 -11.86 11.79 -17.52
CA SER A 365 -10.79 11.79 -18.54
C SER A 365 -9.42 12.09 -17.93
N ALA A 366 -9.12 11.45 -16.81
CA ALA A 366 -7.85 11.59 -16.16
C ALA A 366 -6.75 11.07 -17.11
N PRO A 367 -5.60 11.74 -17.14
CA PRO A 367 -4.51 11.30 -18.01
C PRO A 367 -4.24 9.81 -17.98
N THR A 368 -4.21 9.20 -16.80
CA THR A 368 -3.93 7.75 -16.71
C THR A 368 -5.02 6.89 -17.39
N ALA A 369 -6.28 7.34 -17.30
CA ALA A 369 -7.37 6.66 -18.02
C ALA A 369 -7.17 6.77 -19.53
N LEU A 370 -6.68 7.92 -20.01
CA LEU A 370 -6.40 8.09 -21.45
C LEU A 370 -5.25 7.19 -21.91
N LEU A 371 -4.22 7.04 -21.07
CA LEU A 371 -3.10 6.14 -21.38
C LEU A 371 -3.54 4.68 -21.47
N TYR A 372 -4.41 4.28 -20.53
CA TYR A 372 -4.80 2.88 -20.38
C TYR A 372 -6.13 2.55 -21.08
N ASN A 373 -6.63 3.49 -21.88
CA ASN A 373 -7.82 3.32 -22.70
C ASN A 373 -9.04 2.92 -21.90
N ASP A 374 -9.15 3.45 -20.70
CA ASP A 374 -10.22 3.09 -19.75
C ASP A 374 -10.18 1.65 -19.23
N ARG A 375 -9.16 0.87 -19.58
CA ARG A 375 -9.09 -0.54 -19.20
C ARG A 375 -8.25 -0.74 -17.95
N SER A 376 -8.87 -1.22 -16.88
CA SER A 376 -8.16 -1.52 -15.61
C SER A 376 -7.19 -0.39 -15.26
N VAL A 377 -7.70 0.83 -15.18
CA VAL A 377 -6.84 2.03 -15.17
C VAL A 377 -5.91 2.06 -13.95
N LEU A 378 -6.48 2.05 -12.76
CA LEU A 378 -5.68 2.15 -11.55
C LEU A 378 -4.84 0.90 -11.35
N GLU A 379 -5.39 -0.27 -11.69
CA GLU A 379 -4.67 -1.52 -11.47
C GLU A 379 -3.45 -1.63 -12.42
N SER A 380 -3.61 -1.14 -13.64
CA SER A 380 -2.48 -1.10 -14.56
C SER A 380 -1.35 -0.23 -14.01
N TYR A 381 -1.74 0.92 -13.47
CA TYR A 381 -0.84 1.86 -12.80
C TYR A 381 -0.14 1.21 -11.60
N HIS A 382 -0.90 0.55 -10.73
CA HIS A 382 -0.29 -0.11 -9.57
C HIS A 382 0.73 -1.16 -10.01
N ALA A 383 0.39 -1.96 -11.01
CA ALA A 383 1.28 -3.05 -11.45
C ALA A 383 2.57 -2.48 -12.04
N SER A 384 2.43 -1.41 -12.82
CA SER A 384 3.57 -0.84 -13.49
C SER A 384 4.52 -0.21 -12.47
N LEU A 385 3.95 0.57 -11.56
CA LEU A 385 4.75 1.12 -10.45
C LEU A 385 5.39 0.07 -9.57
N PHE A 386 4.62 -0.91 -9.11
CA PHE A 386 5.17 -1.86 -8.17
C PHE A 386 6.34 -2.63 -8.75
N ILE A 387 6.21 -3.05 -10.01
CA ILE A 387 7.30 -3.78 -10.66
C ILE A 387 8.46 -2.85 -10.96
N ASN A 388 8.19 -1.71 -11.60
CA ASN A 388 9.27 -0.92 -12.19
C ASN A 388 9.92 0.06 -11.23
N LYS A 389 9.15 0.54 -10.24
CA LYS A 389 9.74 1.41 -9.23
C LYS A 389 10.26 0.62 -8.05
N VAL A 390 9.43 -0.26 -7.48
CA VAL A 390 9.79 -0.92 -6.22
C VAL A 390 10.65 -2.18 -6.43
N LEU A 391 10.10 -3.20 -7.07
CA LEU A 391 10.79 -4.51 -7.11
C LEU A 391 12.02 -4.52 -8.01
N ARG A 392 11.99 -3.80 -9.14
CA ARG A 392 13.15 -3.76 -10.05
C ARG A 392 14.40 -3.22 -9.35
N ILE A 393 14.20 -2.27 -8.44
CA ILE A 393 15.28 -1.67 -7.65
C ILE A 393 15.56 -2.46 -6.36
N CYS A 394 14.52 -2.79 -5.60
CA CYS A 394 14.68 -3.39 -4.28
C CYS A 394 14.88 -4.92 -4.27
N TRP A 395 14.32 -5.62 -5.25
CA TRP A 395 14.28 -7.08 -5.23
C TRP A 395 14.29 -7.67 -6.65
N PRO A 396 15.25 -7.22 -7.49
CA PRO A 396 15.25 -7.66 -8.90
C PRO A 396 15.34 -9.17 -9.09
N ASP A 397 16.04 -9.85 -8.19
CA ASP A 397 16.17 -11.31 -8.31
C ASP A 397 14.86 -12.06 -8.00
N LEU A 398 13.91 -11.45 -7.30
CA LEU A 398 12.59 -12.07 -7.17
C LEU A 398 11.85 -12.06 -8.52
N LEU A 399 11.99 -10.98 -9.29
CA LEU A 399 11.26 -10.83 -10.55
C LEU A 399 11.63 -11.89 -11.59
N THR A 400 12.89 -12.30 -11.59
CA THR A 400 13.41 -13.26 -12.58
C THR A 400 13.29 -14.73 -12.15
N CYS A 401 12.89 -14.98 -10.90
CA CYS A 401 12.53 -16.33 -10.48
C CYS A 401 11.33 -16.79 -11.29
N THR A 402 11.25 -18.10 -11.51
CA THR A 402 10.12 -18.70 -12.19
C THR A 402 9.27 -19.45 -11.16
N ILE A 403 8.01 -19.69 -11.46
CA ILE A 403 7.09 -20.29 -10.49
C ILE A 403 7.40 -21.75 -10.13
N GLU A 404 8.12 -22.44 -11.03
CA GLU A 404 8.67 -23.77 -10.77
C GLU A 404 9.91 -23.95 -11.62
N GLU A 405 10.76 -24.92 -11.29
CA GLU A 405 11.98 -25.16 -12.05
C GLU A 405 11.70 -25.39 -13.54
N LYS A 406 10.58 -26.05 -13.84
CA LYS A 406 10.21 -26.39 -15.23
C LYS A 406 9.61 -25.21 -16.00
N SER A 407 8.79 -24.42 -15.31
CA SER A 407 8.02 -23.35 -15.93
C SER A 407 8.88 -22.17 -16.38
N GLU A 408 8.42 -21.47 -17.41
CA GLU A 408 9.06 -20.22 -17.82
C GLU A 408 8.24 -19.00 -17.36
N LEU A 409 7.08 -19.21 -16.74
CA LEU A 409 6.32 -18.11 -16.15
C LEU A 409 7.06 -17.54 -14.95
N THR A 410 7.37 -16.24 -15.03
CA THR A 410 8.15 -15.58 -13.99
C THR A 410 7.25 -15.06 -12.87
N ILE A 411 7.87 -14.80 -11.72
CA ILE A 411 7.17 -14.22 -10.60
C ILE A 411 6.76 -12.78 -10.94
N ARG A 412 7.56 -12.08 -11.73
CA ARG A 412 7.14 -10.78 -12.29
C ARG A 412 5.76 -10.90 -12.95
N SER A 413 5.63 -11.84 -13.89
CA SER A 413 4.37 -12.05 -14.61
C SER A 413 3.22 -12.49 -13.70
N LEU A 414 3.54 -13.30 -12.69
CA LEU A 414 2.52 -13.74 -11.73
C LEU A 414 2.03 -12.58 -10.89
N ILE A 415 2.96 -11.73 -10.45
CA ILE A 415 2.59 -10.55 -9.66
C ILE A 415 1.69 -9.60 -10.47
N ILE A 416 2.05 -9.37 -11.75
CA ILE A 416 1.25 -8.51 -12.64
C ILE A 416 -0.16 -9.07 -12.78
N SER A 417 -0.23 -10.37 -13.07
CA SER A 417 -1.49 -11.07 -13.22
C SER A 417 -2.38 -10.87 -11.99
N SER A 418 -1.82 -11.06 -10.80
CA SER A 418 -2.59 -11.00 -9.56
C SER A 418 -3.03 -9.55 -9.28
N ILE A 419 -2.14 -8.59 -9.50
CA ILE A 419 -2.51 -7.21 -9.32
C ILE A 419 -3.63 -6.81 -10.29
N LEU A 420 -3.49 -7.18 -11.56
CA LEU A 420 -4.52 -6.86 -12.56
C LEU A 420 -5.87 -7.49 -12.22
N ALA A 421 -5.81 -8.65 -11.57
CA ALA A 421 -7.02 -9.37 -11.18
C ALA A 421 -7.89 -8.63 -10.15
N THR A 422 -7.34 -7.64 -9.45
CA THR A 422 -8.13 -6.90 -8.45
C THR A 422 -9.06 -5.84 -9.02
N ASP A 423 -9.04 -5.65 -10.35
CA ASP A 423 -9.97 -4.76 -11.04
C ASP A 423 -11.39 -5.32 -10.98
N MET A 424 -12.27 -4.61 -10.27
CA MET A 424 -13.65 -5.05 -10.09
C MET A 424 -14.49 -4.96 -11.37
N GLY A 425 -14.05 -4.16 -12.34
CA GLY A 425 -14.65 -4.16 -13.67
C GLY A 425 -14.47 -5.48 -14.40
N GLU A 426 -13.57 -6.33 -13.93
CA GLU A 426 -13.34 -7.66 -14.51
C GLU A 426 -13.79 -8.78 -13.56
N HIS A 427 -14.56 -8.43 -12.53
CA HIS A 427 -15.01 -9.38 -11.52
C HIS A 427 -15.69 -10.60 -12.15
N ASN A 428 -16.64 -10.34 -13.05
CA ASN A 428 -17.41 -11.40 -13.69
C ASN A 428 -16.56 -12.38 -14.49
N GLU A 429 -15.49 -11.89 -15.11
CA GLU A 429 -14.64 -12.74 -15.93
C GLU A 429 -13.94 -13.79 -15.07
N TYR A 430 -13.43 -13.40 -13.89
CA TYR A 430 -12.77 -14.37 -12.99
C TYR A 430 -13.78 -15.33 -12.35
N VAL A 431 -14.98 -14.84 -12.06
CA VAL A 431 -16.06 -15.70 -11.56
C VAL A 431 -16.40 -16.79 -12.57
N ASN A 432 -16.47 -16.42 -13.85
CA ASN A 432 -16.74 -17.38 -14.93
C ASN A 432 -15.55 -18.28 -15.25
N ARG A 433 -14.34 -17.77 -15.08
CA ARG A 433 -13.13 -18.59 -15.24
C ARG A 433 -12.98 -19.62 -14.12
N LEU A 434 -13.58 -19.30 -12.97
CA LEU A 434 -13.66 -20.25 -11.86
C LEU A 434 -14.70 -21.35 -12.17
N LYS A 435 -15.85 -20.95 -12.70
CA LYS A 435 -16.88 -21.91 -13.09
C LYS A 435 -16.42 -22.86 -14.20
N SER A 436 -15.71 -22.33 -15.20
CA SER A 436 -15.10 -23.16 -16.23
C SER A 436 -14.06 -24.13 -15.65
N PHE A 437 -13.28 -23.65 -14.68
CA PHE A 437 -12.26 -24.48 -14.03
C PHE A 437 -12.88 -25.61 -13.22
N LYS A 438 -13.84 -25.24 -12.37
CA LYS A 438 -14.51 -26.19 -11.48
C LYS A 438 -15.20 -27.29 -12.28
N THR A 439 -15.90 -26.90 -13.35
CA THR A 439 -16.40 -27.85 -14.34
C THR A 439 -15.21 -28.48 -15.05
N HIS A 440 -14.72 -29.58 -14.49
CA HIS A 440 -13.43 -30.17 -14.88
C HIS A 440 -13.26 -30.50 -16.39
N ASN A 441 -14.34 -30.43 -17.17
CA ASN A 441 -14.25 -30.64 -18.62
C ASN A 441 -13.21 -29.72 -19.27
N GLU A 442 -13.29 -28.42 -18.97
CA GLU A 442 -12.32 -27.43 -19.47
C GLU A 442 -11.15 -27.27 -18.48
N ILE A 443 -9.98 -27.78 -18.87
CA ILE A 443 -8.81 -27.81 -17.99
C ILE A 443 -7.76 -26.77 -18.40
N LEU A 444 -7.05 -26.24 -17.41
CA LEU A 444 -5.93 -25.32 -17.64
C LEU A 444 -4.61 -26.05 -17.42
N ASN A 445 -3.55 -25.57 -18.05
CA ASN A 445 -2.20 -26.03 -17.73
C ASN A 445 -1.79 -25.55 -16.32
N HIS A 446 -0.60 -25.92 -15.87
CA HIS A 446 -0.15 -25.60 -14.52
C HIS A 446 0.00 -24.08 -14.32
N ASP A 447 0.69 -23.42 -15.26
CA ASP A 447 0.90 -21.96 -15.22
C ASP A 447 -0.41 -21.20 -15.04
N ASN A 448 -1.40 -21.47 -15.90
CA ASN A 448 -2.69 -20.77 -15.81
C ASN A 448 -3.53 -21.18 -14.60
N THR A 449 -3.27 -22.36 -14.04
CA THR A 449 -3.88 -22.79 -12.78
C THR A 449 -3.33 -22.00 -11.60
N VAL A 450 -2.01 -21.85 -11.55
CA VAL A 450 -1.36 -21.02 -10.52
C VAL A 450 -1.90 -19.58 -10.60
N LYS A 451 -1.95 -19.04 -11.82
CA LYS A 451 -2.49 -17.69 -12.03
C LYS A 451 -3.90 -17.53 -11.52
N LEU A 452 -4.77 -18.50 -11.79
CA LEU A 452 -6.16 -18.38 -11.42
C LEU A 452 -6.36 -18.47 -9.92
N ILE A 453 -5.72 -19.44 -9.27
CA ILE A 453 -5.84 -19.56 -7.82
C ILE A 453 -5.30 -18.29 -7.16
N SER A 454 -4.14 -17.85 -7.60
CA SER A 454 -3.54 -16.60 -7.11
C SER A 454 -4.49 -15.42 -7.28
N ALA A 455 -5.09 -15.31 -8.48
CA ALA A 455 -6.05 -14.25 -8.77
C ALA A 455 -7.26 -14.27 -7.85
N LEU A 456 -7.80 -15.46 -7.62
CA LEU A 456 -8.96 -15.60 -6.75
C LEU A 456 -8.63 -15.25 -5.30
N LEU A 457 -7.45 -15.65 -4.84
CA LEU A 457 -7.09 -15.40 -3.45
C LEU A 457 -6.87 -13.91 -3.21
N ILE A 458 -6.15 -13.24 -4.10
CA ILE A 458 -5.93 -11.80 -3.95
C ILE A 458 -7.25 -11.05 -4.10
N LYS A 459 -8.15 -11.51 -4.97
CA LYS A 459 -9.48 -10.89 -5.07
C LYS A 459 -10.24 -10.97 -3.76
N CYS A 460 -10.22 -12.15 -3.15
CA CYS A 460 -10.92 -12.37 -1.87
C CYS A 460 -10.30 -11.49 -0.78
N ALA A 461 -8.97 -11.47 -0.72
CA ALA A 461 -8.25 -10.63 0.25
C ALA A 461 -8.57 -9.16 0.09
N ASP A 462 -8.58 -8.68 -1.16
CA ASP A 462 -8.85 -7.27 -1.42
C ASP A 462 -10.24 -6.83 -0.95
N ILE A 463 -11.24 -7.72 -1.05
CA ILE A 463 -12.60 -7.37 -0.61
C ILE A 463 -12.98 -8.08 0.69
N SER A 464 -12.00 -8.32 1.55
CA SER A 464 -12.21 -9.14 2.75
C SER A 464 -12.81 -8.38 3.93
N ASN A 465 -13.03 -7.07 3.80
CA ASN A 465 -13.57 -6.29 4.90
C ASN A 465 -14.89 -6.87 5.44
N VAL A 466 -15.77 -7.31 4.53
CA VAL A 466 -17.05 -7.91 4.95
C VAL A 466 -16.91 -9.30 5.57
N THR A 467 -15.75 -9.94 5.41
CA THR A 467 -15.44 -11.26 6.00
C THR A 467 -14.70 -11.19 7.34
N ARG A 468 -14.29 -9.99 7.77
CA ARG A 468 -13.73 -9.83 9.11
C ARG A 468 -14.87 -9.80 10.12
N PRO A 469 -14.57 -10.14 11.39
CA PRO A 469 -15.59 -9.98 12.44
C PRO A 469 -16.20 -8.57 12.49
N LEU A 470 -17.45 -8.53 12.92
CA LEU A 470 -18.32 -7.37 12.79
C LEU A 470 -17.72 -6.02 13.18
N ARG A 471 -17.07 -5.94 14.34
CA ARG A 471 -16.56 -4.65 14.82
C ARG A 471 -15.48 -4.09 13.88
N VAL A 472 -14.56 -4.94 13.47
CA VAL A 472 -13.48 -4.54 12.57
C VAL A 472 -14.05 -4.22 11.19
N SER A 473 -15.02 -5.03 10.75
CA SER A 473 -15.66 -4.83 9.45
C SER A 473 -16.32 -3.48 9.39
N ALA A 474 -16.94 -3.05 10.49
CA ALA A 474 -17.58 -1.75 10.56
C ALA A 474 -16.59 -0.60 10.53
N GLN A 475 -15.44 -0.77 11.18
CA GLN A 475 -14.40 0.28 11.18
C GLN A 475 -13.93 0.54 9.74
N TRP A 476 -13.72 -0.52 8.98
CA TRP A 476 -13.36 -0.41 7.56
C TRP A 476 -14.44 0.28 6.74
N ALA A 477 -15.70 -0.07 7.00
CA ALA A 477 -16.82 0.56 6.30
C ALA A 477 -16.84 2.06 6.49
N MET A 478 -16.49 2.50 7.69
CA MET A 478 -16.41 3.90 7.99
C MET A 478 -15.32 4.64 7.19
N VAL A 479 -14.11 4.09 7.17
CA VAL A 479 -13.02 4.77 6.44
C VAL A 479 -13.26 4.71 4.92
N LEU A 480 -13.85 3.63 4.43
CA LEU A 480 -14.23 3.52 3.02
C LEU A 480 -15.24 4.61 2.65
N SER A 481 -16.21 4.85 3.51
CA SER A 481 -17.14 5.97 3.32
C SER A 481 -16.48 7.35 3.32
N ARG A 482 -15.44 7.55 4.13
CA ARG A 482 -14.74 8.83 4.13
C ARG A 482 -14.12 9.09 2.75
N GLU A 483 -13.50 8.07 2.19
CA GLU A 483 -12.83 8.21 0.89
C GLU A 483 -13.87 8.42 -0.22
N PHE A 484 -14.98 7.69 -0.17
CA PHE A 484 -16.11 7.92 -1.07
C PHE A 484 -16.58 9.38 -1.04
N ALA A 485 -16.72 9.95 0.15
CA ALA A 485 -17.17 11.34 0.31
C ALA A 485 -16.17 12.35 -0.26
N GLU A 486 -14.87 12.06 -0.11
CA GLU A 486 -13.84 12.90 -0.72
C GLU A 486 -13.93 12.87 -2.25
N VAL A 487 -14.18 11.70 -2.83
CA VAL A 487 -14.32 11.60 -4.28
C VAL A 487 -15.54 12.41 -4.75
N GLU A 488 -16.63 12.35 -4.00
CA GLU A 488 -17.82 13.16 -4.32
C GLU A 488 -17.51 14.66 -4.27
N LEU A 489 -16.70 15.07 -3.30
CA LEU A 489 -16.33 16.47 -3.16
C LEU A 489 -15.40 16.92 -4.31
N LEU A 490 -14.48 16.05 -4.70
CA LEU A 490 -13.61 16.35 -5.84
C LEU A 490 -14.41 16.52 -7.14
N LYS A 491 -15.34 15.61 -7.39
CA LYS A 491 -16.25 15.73 -8.55
C LYS A 491 -17.00 17.07 -8.54
N SER A 492 -17.51 17.47 -7.38
CA SER A 492 -18.22 18.75 -7.28
C SER A 492 -17.31 19.95 -7.55
N VAL A 493 -16.06 19.89 -7.08
CA VAL A 493 -15.09 20.95 -7.37
C VAL A 493 -14.85 21.03 -8.88
N ILE A 494 -14.62 19.90 -9.52
CA ILE A 494 -14.36 19.92 -10.96
C ILE A 494 -15.58 20.44 -11.73
N LYS A 495 -16.75 19.98 -11.36
CA LYS A 495 -18.01 20.40 -12.00
C LYS A 495 -18.42 21.82 -11.65
N LYS A 496 -17.69 22.43 -10.71
CA LYS A 496 -17.93 23.79 -10.26
C LYS A 496 -19.27 23.88 -9.50
N ASP A 497 -19.63 22.80 -8.82
CA ASP A 497 -20.83 22.74 -7.99
C ASP A 497 -20.57 23.12 -6.54
N ILE A 498 -19.31 23.41 -6.19
CA ILE A 498 -18.96 23.81 -4.84
C ILE A 498 -17.66 24.61 -4.83
N ASP A 499 -17.57 25.60 -3.96
CA ASP A 499 -16.38 26.41 -3.82
C ASP A 499 -15.77 26.15 -2.44
N LEU A 500 -14.63 25.46 -2.45
CA LEU A 500 -13.94 25.09 -1.22
C LEU A 500 -12.89 26.10 -0.83
N ASP A 501 -12.60 26.15 0.46
CA ASP A 501 -11.51 26.96 0.99
C ASP A 501 -10.24 26.11 0.92
N PHE A 502 -9.38 26.38 -0.07
CA PHE A 502 -8.21 25.52 -0.28
C PHE A 502 -7.04 25.86 0.64
N THR A 503 -7.20 26.89 1.49
CA THR A 503 -6.21 27.25 2.50
C THR A 503 -6.31 26.39 3.76
N LYS A 504 -7.31 25.51 3.86
CA LYS A 504 -7.45 24.62 5.01
C LYS A 504 -7.53 23.17 4.54
N ASP A 505 -7.12 22.23 5.40
CA ASP A 505 -7.08 20.82 5.02
C ASP A 505 -8.22 20.07 5.68
N LEU A 506 -8.52 18.89 5.12
CA LEU A 506 -9.48 17.96 5.69
C LEU A 506 -8.81 17.17 6.83
N THR A 507 -9.49 17.11 7.96
CA THR A 507 -9.02 16.37 9.14
C THR A 507 -10.14 15.48 9.63
N TYR A 508 -9.79 14.39 10.29
CA TYR A 508 -10.75 13.40 10.74
C TYR A 508 -10.52 13.05 12.21
N ASP A 509 -11.61 12.85 12.94
CA ASP A 509 -11.51 12.27 14.28
C ASP A 509 -11.10 10.82 14.17
N ASP A 510 -10.56 10.30 15.27
CA ASP A 510 -10.17 8.90 15.35
C ASP A 510 -11.35 8.02 15.02
N VAL A 511 -11.08 6.89 14.39
CA VAL A 511 -12.09 5.88 14.13
C VAL A 511 -12.47 5.29 15.48
N PRO A 512 -13.78 5.20 15.79
CA PRO A 512 -14.16 4.66 17.10
C PRO A 512 -13.79 3.19 17.30
N HIS A 513 -13.48 2.82 18.54
CA HIS A 513 -13.17 1.42 18.87
C HIS A 513 -14.42 0.55 18.86
N GLU A 514 -15.53 1.08 19.36
CA GLU A 514 -16.74 0.30 19.58
C GLU A 514 -17.76 0.47 18.46
N LEU A 515 -18.32 -0.65 18.02
CA LEU A 515 -19.40 -0.67 17.02
C LEU A 515 -20.48 0.37 17.32
N ARG A 516 -20.89 0.44 18.58
CA ARG A 516 -21.94 1.37 19.01
C ARG A 516 -21.67 2.80 18.56
N GLU A 517 -20.48 3.32 18.85
CA GLU A 517 -20.16 4.71 18.52
C GLU A 517 -20.03 4.93 17.01
N ILE A 518 -19.62 3.89 16.29
CA ILE A 518 -19.53 3.93 14.84
C ILE A 518 -20.91 4.15 14.23
N LEU A 519 -21.90 3.39 14.70
CA LEU A 519 -23.26 3.47 14.17
C LEU A 519 -23.94 4.80 14.48
N GLU A 520 -23.54 5.46 15.56
CA GLU A 520 -24.11 6.77 15.88
C GLU A 520 -23.46 7.89 15.07
N ILE A 521 -22.17 7.76 14.75
CA ILE A 521 -21.44 8.75 13.95
C ILE A 521 -21.94 8.76 12.51
N GLN A 522 -22.20 7.59 11.96
CA GLN A 522 -22.92 7.49 10.70
C GLN A 522 -23.83 6.26 10.66
N PRO A 523 -25.11 6.45 11.04
CA PRO A 523 -26.07 5.38 10.78
C PRO A 523 -26.27 5.29 9.28
N ASP A 524 -26.78 4.15 8.81
CA ASP A 524 -26.93 3.85 7.38
C ASP A 524 -25.71 3.15 6.76
N ILE A 525 -24.67 2.92 7.58
CA ILE A 525 -23.55 2.05 7.18
C ILE A 525 -24.09 0.73 6.66
N HIS A 526 -25.14 0.23 7.32
CA HIS A 526 -25.75 -1.06 6.99
C HIS A 526 -26.08 -1.25 5.50
N LYS A 527 -26.54 -0.19 4.83
CA LYS A 527 -27.02 -0.37 3.46
C LYS A 527 -25.89 -0.48 2.43
N GLY A 528 -24.74 0.15 2.70
CA GLY A 528 -23.55 -0.09 1.89
C GLY A 528 -23.10 -1.54 1.95
N GLN A 529 -23.17 -2.12 3.15
CA GLN A 529 -22.70 -3.48 3.39
C GLN A 529 -23.61 -4.54 2.79
N ILE A 530 -24.94 -4.34 2.87
CA ILE A 530 -25.89 -5.27 2.27
C ILE A 530 -25.74 -5.25 0.75
N PHE A 531 -25.71 -4.05 0.17
CA PHE A 531 -25.48 -3.87 -1.27
C PHE A 531 -24.26 -4.69 -1.72
N PHE A 532 -23.13 -4.47 -1.05
CA PHE A 532 -21.87 -5.10 -1.45
C PHE A 532 -21.84 -6.61 -1.26
N ILE A 533 -22.40 -7.09 -0.14
CA ILE A 533 -22.45 -8.52 0.14
C ILE A 533 -23.32 -9.26 -0.89
N ASN A 534 -24.50 -8.73 -1.17
CA ASN A 534 -25.41 -9.35 -2.13
C ASN A 534 -24.84 -9.32 -3.56
N LEU A 535 -24.41 -8.16 -4.00
CA LEU A 535 -24.00 -7.99 -5.39
C LEU A 535 -22.59 -8.49 -5.72
N PHE A 536 -21.71 -8.64 -4.72
CA PHE A 536 -20.34 -9.12 -4.97
C PHE A 536 -19.82 -10.23 -4.04
N ALA A 537 -19.79 -9.97 -2.73
CA ALA A 537 -19.00 -10.80 -1.80
C ALA A 537 -19.57 -12.22 -1.61
N GLU A 538 -20.84 -12.30 -1.26
CA GLU A 538 -21.49 -13.59 -0.99
C GLU A 538 -21.16 -14.59 -2.09
N ASN A 539 -21.37 -14.20 -3.34
CA ASN A 539 -21.14 -15.10 -4.47
C ASN A 539 -19.69 -15.51 -4.68
N LEU A 540 -18.76 -14.56 -4.54
CA LEU A 540 -17.34 -14.86 -4.75
C LEU A 540 -16.81 -15.81 -3.67
N PHE A 541 -17.09 -15.50 -2.40
CA PHE A 541 -16.57 -16.31 -1.31
C PHE A 541 -17.19 -17.72 -1.30
N ASN A 542 -18.52 -17.79 -1.45
CA ASN A 542 -19.21 -19.07 -1.64
C ASN A 542 -18.60 -19.88 -2.76
N SER A 543 -18.37 -19.25 -3.91
CA SER A 543 -17.78 -19.91 -5.06
C SER A 543 -16.34 -20.36 -4.82
N VAL A 544 -15.56 -19.51 -4.16
CA VAL A 544 -14.17 -19.84 -3.84
C VAL A 544 -14.08 -20.93 -2.75
N SER A 545 -14.94 -20.83 -1.74
CA SER A 545 -14.96 -21.84 -0.66
C SER A 545 -15.45 -23.20 -1.16
N ASP A 546 -16.30 -23.22 -2.19
CA ASP A 546 -16.67 -24.47 -2.86
C ASP A 546 -15.44 -25.17 -3.43
N LEU A 547 -14.54 -24.39 -4.03
CA LEU A 547 -13.29 -24.94 -4.59
C LEU A 547 -12.26 -25.24 -3.51
N LEU A 548 -12.19 -24.36 -2.50
CA LEU A 548 -11.18 -24.46 -1.45
C LEU A 548 -11.87 -24.49 -0.09
N PRO A 549 -12.33 -25.69 0.33
CA PRO A 549 -13.14 -25.89 1.55
C PRO A 549 -12.64 -25.14 2.79
N GLN A 550 -11.33 -25.00 2.93
CA GLN A 550 -10.74 -24.41 4.14
C GLN A 550 -11.11 -22.95 4.38
N LEU A 551 -11.61 -22.25 3.36
CA LEU A 551 -11.97 -20.84 3.50
C LEU A 551 -13.46 -20.63 3.79
N GLN A 552 -14.19 -21.71 4.09
CA GLN A 552 -15.63 -21.64 4.36
C GLN A 552 -15.94 -20.64 5.47
N TYR A 553 -15.05 -20.51 6.44
CA TYR A 553 -15.25 -19.59 7.55
C TYR A 553 -15.56 -18.16 7.09
N THR A 554 -15.03 -17.76 5.91
CA THR A 554 -15.32 -16.44 5.36
C THR A 554 -16.81 -16.30 5.05
N CYS A 555 -17.38 -17.30 4.40
CA CYS A 555 -18.82 -17.32 4.14
C CYS A 555 -19.63 -17.28 5.44
N ASP A 556 -19.15 -17.98 6.47
CA ASP A 556 -19.82 -18.00 7.78
C ASP A 556 -19.91 -16.61 8.40
N ILE A 557 -18.81 -15.85 8.32
CA ILE A 557 -18.77 -14.50 8.90
C ILE A 557 -19.57 -13.49 8.06
N ILE A 558 -19.52 -13.63 6.72
CA ILE A 558 -20.34 -12.78 5.86
C ILE A 558 -21.82 -12.89 6.24
N MET A 559 -22.30 -14.11 6.42
CA MET A 559 -23.70 -14.34 6.80
C MET A 559 -24.01 -13.70 8.16
N GLU A 560 -23.18 -13.99 9.16
CA GLU A 560 -23.34 -13.40 10.50
C GLU A 560 -23.42 -11.87 10.43
N ASN A 561 -22.49 -11.26 9.71
CA ASN A 561 -22.49 -9.81 9.50
C ASN A 561 -23.75 -9.36 8.74
N LYS A 562 -24.12 -10.11 7.71
CA LYS A 562 -25.30 -9.78 6.89
C LYS A 562 -26.57 -9.75 7.75
N LEU A 563 -26.76 -10.78 8.57
CA LEU A 563 -27.91 -10.86 9.47
C LEU A 563 -27.99 -9.63 10.39
N PHE A 564 -26.84 -9.22 10.93
CA PHE A 564 -26.79 -8.05 11.80
C PHE A 564 -27.16 -6.78 11.05
N TRP A 565 -26.64 -6.63 9.84
CA TRP A 565 -26.92 -5.44 9.04
C TRP A 565 -28.38 -5.42 8.60
N LEU A 566 -28.91 -6.59 8.23
CA LEU A 566 -30.34 -6.75 7.95
C LEU A 566 -31.19 -6.37 9.16
N GLU A 567 -30.78 -6.83 10.35
CA GLU A 567 -31.49 -6.55 11.60
C GLU A 567 -31.67 -5.06 11.90
N ARG A 568 -30.70 -4.23 11.53
CA ARG A 568 -30.85 -2.79 11.76
C ARG A 568 -31.30 -2.01 10.52
N ALA A 569 -31.39 -2.67 9.37
CA ALA A 569 -32.16 -2.13 8.24
C ALA A 569 -33.63 -2.09 8.67
N LYS A 570 -34.05 -3.17 9.35
CA LYS A 570 -35.31 -3.20 10.09
C LYS A 570 -35.26 -2.18 11.23
#